data_3D3Q
#
_entry.id   3D3Q
#
_cell.length_a   58.622
_cell.length_b   84.480
_cell.length_c   75.397
_cell.angle_alpha   90.00
_cell.angle_beta   102.87
_cell.angle_gamma   90.00
#
_symmetry.space_group_name_H-M   'P 1 21 1'
#
loop_
_entity.id
_entity.type
_entity.pdbx_description
1 polymer 'tRNA delta(2)-isopentenylpyrophosphate transferase'
2 water water
#
_entity_poly.entity_id   1
_entity_poly.type   'polypeptide(L)'
_entity_poly.pdbx_seq_one_letter_code
;(MSE)TE(MSE)TKPFLIVIVGPTASGKTELSIEVAKKFNGEIISGDS(MSE)QVYQG(MSE)DIGTAKVTTEE(MSE)E
GIPHY(MSE)IDILPPDASFSAYEFKKRAEKYIKDITRRGKVPIIAGGTGLYIQSLLYNYAFEDESISEDK(MSE)KQVK
LKLKELEHLNNNKLHEYLASFDKESAKDIHPNNRKRVLRAIEYYLKTKKLLSSRKKVQQFTENYDTLLIGIE(MSE)SRE
TLYLRINKRVDI(MSE)LGHGLFNEVQHLVEQGFEASQS(MSE)QAIGYKELVPVIKGNIS(MSE)ENAVEKLKQHSRQY
AKRQLTWFKNK(MSE)NVHWLNKER(MSE)SLQ(MSE)(MSE)LDEITTQINKRSSNHDCKRKHPRPSTRELLEHHHHHH
;
_entity_poly.pdbx_strand_id   A,B
#
# COMPACT_ATOMS: atom_id res chain seq x y z
N LYS A 6 15.67 -4.05 -23.07
CA LYS A 6 15.41 -4.31 -21.62
C LYS A 6 16.27 -5.47 -21.13
N PRO A 7 16.84 -5.33 -19.92
CA PRO A 7 17.69 -6.37 -19.33
C PRO A 7 16.92 -7.63 -18.89
N PHE A 8 17.52 -8.80 -19.12
CA PHE A 8 16.90 -10.06 -18.73
C PHE A 8 16.91 -10.22 -17.22
N LEU A 9 15.76 -10.63 -16.67
CA LEU A 9 15.61 -10.83 -15.24
C LEU A 9 14.71 -12.03 -14.93
N ILE A 10 15.12 -12.89 -13.99
CA ILE A 10 14.29 -14.05 -13.59
C ILE A 10 13.64 -13.70 -12.27
N VAL A 11 12.36 -14.02 -12.13
CA VAL A 11 11.66 -13.74 -10.86
C VAL A 11 10.94 -15.01 -10.40
N ILE A 12 11.29 -15.51 -9.21
CA ILE A 12 10.71 -16.72 -8.66
C ILE A 12 10.00 -16.45 -7.35
N VAL A 13 8.68 -16.26 -7.43
CA VAL A 13 7.87 -15.99 -6.24
C VAL A 13 7.17 -17.25 -5.80
N GLY A 14 6.70 -17.27 -4.56
CA GLY A 14 6.03 -18.45 -4.07
C GLY A 14 5.95 -18.38 -2.56
N PRO A 15 5.02 -19.12 -1.94
CA PRO A 15 4.92 -19.08 -0.48
C PRO A 15 6.18 -19.54 0.23
N THR A 16 6.36 -19.10 1.47
CA THR A 16 7.53 -19.46 2.28
C THR A 16 7.84 -20.95 2.23
N ALA A 17 9.12 -21.29 2.09
CA ALA A 17 9.53 -22.68 2.03
C ALA A 17 8.68 -23.49 1.05
N SER A 18 8.60 -23.03 -0.19
CA SER A 18 7.83 -23.73 -1.19
C SER A 18 8.80 -24.18 -2.27
N GLY A 19 10.08 -24.00 -1.98
CA GLY A 19 11.10 -24.39 -2.94
C GLY A 19 11.60 -23.23 -3.81
N LYS A 20 10.96 -22.08 -3.69
CA LYS A 20 11.40 -20.96 -4.49
C LYS A 20 12.88 -20.67 -4.18
N THR A 21 13.26 -20.68 -2.91
CA THR A 21 14.64 -20.42 -2.53
C THR A 21 15.61 -21.44 -3.10
N GLU A 22 15.27 -22.72 -2.98
CA GLU A 22 16.12 -23.77 -3.49
C GLU A 22 16.18 -23.66 -5.00
N LEU A 23 15.02 -23.56 -5.65
CA LEU A 23 14.96 -23.43 -7.09
C LEU A 23 15.83 -22.28 -7.59
N SER A 24 15.77 -21.13 -6.91
CA SER A 24 16.58 -19.97 -7.30
C SER A 24 18.06 -20.34 -7.38
N ILE A 25 18.57 -20.99 -6.35
CA ILE A 25 19.96 -21.37 -6.34
C ILE A 25 20.28 -22.34 -7.49
N GLU A 26 19.41 -23.30 -7.74
CA GLU A 26 19.62 -24.27 -8.83
C GLU A 26 19.70 -23.56 -10.18
N VAL A 27 18.86 -22.54 -10.38
CA VAL A 27 18.86 -21.77 -11.61
C VAL A 27 20.14 -20.93 -11.65
N ALA A 28 20.52 -20.41 -10.50
CA ALA A 28 21.71 -19.60 -10.37
C ALA A 28 22.94 -20.42 -10.69
N LYS A 29 22.92 -21.69 -10.35
CA LYS A 29 24.06 -22.56 -10.62
C LYS A 29 24.11 -23.05 -12.05
N LYS A 30 22.97 -23.11 -12.73
CA LYS A 30 22.98 -23.59 -14.11
C LYS A 30 23.19 -22.45 -15.10
N PHE A 31 22.99 -21.20 -14.65
CA PHE A 31 23.16 -20.03 -15.51
C PHE A 31 24.00 -18.98 -14.82
N ASN A 32 24.97 -19.44 -14.04
CA ASN A 32 25.88 -18.60 -13.26
C ASN A 32 25.30 -17.19 -13.02
N GLY A 33 24.26 -17.16 -12.22
CA GLY A 33 23.63 -15.90 -11.89
C GLY A 33 23.82 -15.59 -10.42
N GLU A 34 23.17 -14.52 -9.96
CA GLU A 34 23.24 -14.13 -8.57
C GLU A 34 21.83 -13.75 -8.16
N ILE A 35 21.52 -14.00 -6.91
CA ILE A 35 20.18 -13.77 -6.39
C ILE A 35 20.01 -12.52 -5.55
N ILE A 36 18.89 -11.86 -5.73
CA ILE A 36 18.58 -10.68 -4.94
C ILE A 36 17.34 -11.06 -4.11
N SER A 37 17.49 -11.09 -2.79
CA SER A 37 16.37 -11.44 -1.92
C SER A 37 15.22 -10.44 -2.09
N GLY A 38 14.02 -10.96 -2.36
CA GLY A 38 12.85 -10.10 -2.53
C GLY A 38 12.05 -9.95 -1.26
N ASP A 39 12.44 -10.73 -0.25
CA ASP A 39 11.77 -10.72 1.05
C ASP A 39 12.02 -9.41 1.80
N SER A 40 10.96 -8.78 2.28
CA SER A 40 11.10 -7.52 3.01
C SER A 40 11.49 -7.71 4.46
N GLN A 42 13.96 -10.43 5.42
CA GLN A 42 15.30 -11.01 5.43
C GLN A 42 16.36 -9.93 5.34
N VAL A 43 15.91 -8.68 5.26
CA VAL A 43 16.82 -7.55 5.20
C VAL A 43 17.34 -7.21 6.59
N TYR A 44 16.62 -7.61 7.61
CA TYR A 44 17.01 -7.32 8.99
C TYR A 44 17.94 -8.37 9.61
N GLN A 45 19.02 -7.92 10.24
CA GLN A 45 19.97 -8.82 10.85
C GLN A 45 19.48 -9.21 12.25
N GLY A 46 19.63 -10.49 12.59
CA GLY A 46 19.19 -10.96 13.89
C GLY A 46 17.86 -11.69 13.79
N ASP A 48 16.56 -14.16 11.65
CA ASP A 48 16.81 -15.20 10.67
C ASP A 48 15.81 -16.36 10.68
N ILE A 49 15.45 -16.84 11.86
CA ILE A 49 14.53 -17.94 11.98
C ILE A 49 13.09 -17.62 11.59
N GLY A 50 12.55 -16.54 12.14
CA GLY A 50 11.17 -16.19 11.82
C GLY A 50 10.93 -15.73 10.39
N THR A 51 12.01 -15.53 9.66
CA THR A 51 11.89 -15.04 8.31
C THR A 51 12.29 -16.06 7.27
N ALA A 52 12.64 -17.26 7.73
CA ALA A 52 13.08 -18.35 6.86
C ALA A 52 14.31 -17.93 6.06
N LYS A 53 15.14 -17.12 6.70
CA LYS A 53 16.36 -16.61 6.08
C LYS A 53 17.35 -17.72 5.73
N VAL A 54 17.71 -17.79 4.45
CA VAL A 54 18.65 -18.81 3.96
C VAL A 54 20.05 -18.56 4.53
N THR A 55 20.71 -19.64 4.94
CA THR A 55 22.04 -19.51 5.53
C THR A 55 23.16 -19.48 4.51
N THR A 56 24.28 -18.89 4.92
CA THR A 56 25.43 -18.77 4.03
C THR A 56 25.76 -20.13 3.43
N GLU A 57 25.62 -21.20 4.22
CA GLU A 57 25.92 -22.53 3.73
C GLU A 57 24.98 -23.01 2.68
N GLU A 58 23.70 -22.76 2.89
CA GLU A 58 22.69 -23.18 1.95
C GLU A 58 22.78 -22.44 0.62
N GLU A 60 25.06 -22.24 -1.20
CA GLU A 60 25.98 -23.00 -2.03
C GLU A 60 26.93 -22.17 -2.89
N GLY A 61 27.44 -21.08 -2.36
CA GLY A 61 28.36 -20.27 -3.13
C GLY A 61 27.71 -19.14 -3.88
N ILE A 62 26.48 -19.33 -4.35
CA ILE A 62 25.79 -18.28 -5.06
C ILE A 62 25.65 -17.05 -4.16
N PRO A 63 26.14 -15.90 -4.62
CA PRO A 63 26.04 -14.66 -3.83
C PRO A 63 24.62 -14.10 -3.71
N HIS A 64 24.20 -13.79 -2.49
CA HIS A 64 22.86 -13.22 -2.26
C HIS A 64 22.92 -11.75 -1.75
N TYR A 65 21.97 -10.94 -2.22
CA TYR A 65 21.90 -9.54 -1.82
C TYR A 65 20.59 -9.25 -1.12
N ILE A 67 20.12 -9.17 2.11
CA ILE A 67 19.98 -10.01 3.29
C ILE A 67 20.93 -9.52 4.40
N ASP A 68 20.36 -9.17 5.56
CA ASP A 68 21.14 -8.65 6.69
C ASP A 68 21.83 -7.35 6.30
N ILE A 69 21.09 -6.44 5.72
CA ILE A 69 21.65 -5.16 5.31
C ILE A 69 21.20 -4.02 6.21
N LEU A 70 20.34 -4.30 7.17
CA LEU A 70 19.85 -3.27 8.10
C LEU A 70 19.59 -3.85 9.49
N PRO A 71 19.57 -2.98 10.51
CA PRO A 71 19.31 -3.43 11.88
C PRO A 71 17.78 -3.46 12.05
N PRO A 72 17.26 -4.15 13.06
CA PRO A 72 15.81 -4.26 13.29
C PRO A 72 15.05 -2.93 13.32
N ASP A 73 15.61 -1.92 13.97
CA ASP A 73 14.99 -0.60 14.10
C ASP A 73 15.00 0.22 12.82
N ALA A 74 15.67 -0.32 11.79
CA ALA A 74 15.75 0.36 10.50
C ALA A 74 14.41 0.28 9.79
N SER A 75 14.22 1.16 8.82
CA SER A 75 12.98 1.18 8.09
C SER A 75 13.15 0.64 6.68
N PHE A 76 12.10 0.01 6.17
CA PHE A 76 12.15 -0.54 4.84
C PHE A 76 10.83 -0.30 4.14
N SER A 77 10.80 -0.44 2.82
CA SER A 77 9.59 -0.19 2.05
C SER A 77 9.70 -0.70 0.62
N ALA A 78 8.55 -0.79 -0.04
CA ALA A 78 8.54 -1.24 -1.41
C ALA A 78 9.53 -0.45 -2.29
N TYR A 79 9.54 0.88 -2.23
CA TYR A 79 10.48 1.63 -3.07
C TYR A 79 11.91 1.46 -2.62
N GLU A 80 12.12 1.45 -1.30
CA GLU A 80 13.47 1.28 -0.79
C GLU A 80 14.09 0.06 -1.48
N PHE A 81 13.29 -1.01 -1.58
CA PHE A 81 13.69 -2.27 -2.22
C PHE A 81 13.97 -2.05 -3.70
N LYS A 82 13.12 -1.24 -4.34
CA LYS A 82 13.25 -0.93 -5.77
C LYS A 82 14.55 -0.17 -6.08
N LYS A 83 14.84 0.84 -5.26
CA LYS A 83 16.04 1.64 -5.45
C LYS A 83 17.27 0.76 -5.40
N ARG A 84 17.38 -0.06 -4.35
CA ARG A 84 18.52 -0.97 -4.15
C ARG A 84 18.56 -2.13 -5.15
N ALA A 85 17.40 -2.69 -5.45
CA ALA A 85 17.31 -3.78 -6.40
C ALA A 85 17.71 -3.34 -7.82
N GLU A 86 17.24 -2.16 -8.26
CA GLU A 86 17.57 -1.69 -9.61
C GLU A 86 19.07 -1.54 -9.79
N LYS A 87 19.76 -1.08 -8.76
CA LYS A 87 21.20 -0.91 -8.86
C LYS A 87 21.87 -2.28 -9.00
N TYR A 88 21.50 -3.22 -8.14
CA TYR A 88 22.06 -4.57 -8.18
C TYR A 88 21.76 -5.28 -9.51
N ILE A 89 20.55 -5.13 -10.01
CA ILE A 89 20.19 -5.75 -11.26
C ILE A 89 21.09 -5.25 -12.40
N LYS A 90 21.53 -3.99 -12.34
CA LYS A 90 22.41 -3.45 -13.38
C LYS A 90 23.83 -3.92 -13.15
N ASP A 91 24.30 -3.84 -11.92
CA ASP A 91 25.65 -4.27 -11.62
C ASP A 91 25.83 -5.71 -12.04
N ILE A 92 24.86 -6.56 -11.70
CA ILE A 92 24.88 -7.98 -12.05
C ILE A 92 24.98 -8.20 -13.56
N THR A 93 24.07 -7.59 -14.32
CA THR A 93 24.07 -7.75 -15.77
C THR A 93 25.36 -7.23 -16.35
N ARG A 94 25.85 -6.15 -15.74
CA ARG A 94 27.08 -5.50 -16.18
C ARG A 94 28.27 -6.41 -16.11
N ARG A 95 28.20 -7.40 -15.22
CA ARG A 95 29.31 -8.35 -15.08
C ARG A 95 28.97 -9.65 -15.81
N GLY A 96 28.16 -9.52 -16.85
CA GLY A 96 27.76 -10.64 -17.68
C GLY A 96 27.11 -11.80 -16.96
N LYS A 97 26.30 -11.50 -15.95
CA LYS A 97 25.62 -12.56 -15.20
C LYS A 97 24.11 -12.43 -15.33
N VAL A 98 23.38 -13.34 -14.71
CA VAL A 98 21.94 -13.34 -14.78
C VAL A 98 21.29 -12.93 -13.48
N PRO A 99 20.75 -11.70 -13.44
CA PRO A 99 20.08 -11.20 -12.23
C PRO A 99 18.81 -12.01 -11.93
N ILE A 100 18.74 -12.57 -10.72
CA ILE A 100 17.61 -13.40 -10.28
C ILE A 100 17.10 -12.89 -8.94
N ILE A 101 15.79 -12.64 -8.86
CA ILE A 101 15.23 -12.20 -7.59
C ILE A 101 14.37 -13.33 -7.04
N ALA A 102 14.68 -13.72 -5.81
CA ALA A 102 14.00 -14.79 -5.12
C ALA A 102 13.08 -14.17 -4.09
N GLY A 103 11.85 -14.65 -4.07
CA GLY A 103 10.88 -14.15 -3.10
C GLY A 103 10.31 -12.79 -3.44
N GLY A 104 9.66 -12.19 -2.45
CA GLY A 104 9.05 -10.89 -2.63
C GLY A 104 7.53 -10.98 -2.62
N THR A 105 6.87 -9.87 -2.31
CA THR A 105 5.41 -9.82 -2.28
C THR A 105 4.88 -9.09 -3.52
N GLY A 106 3.57 -9.11 -3.72
CA GLY A 106 2.99 -8.44 -4.87
C GLY A 106 3.47 -7.01 -5.02
N LEU A 107 3.29 -6.20 -3.98
CA LEU A 107 3.75 -4.82 -4.06
C LEU A 107 5.21 -4.75 -4.48
N TYR A 108 6.10 -5.25 -3.63
CA TYR A 108 7.54 -5.23 -3.92
C TYR A 108 7.91 -5.72 -5.31
N ILE A 109 7.18 -6.72 -5.82
CA ILE A 109 7.50 -7.24 -7.12
C ILE A 109 7.00 -6.39 -8.27
N GLN A 110 5.74 -5.97 -8.23
CA GLN A 110 5.25 -5.16 -9.34
C GLN A 110 5.89 -3.79 -9.33
N SER A 111 6.11 -3.24 -8.14
CA SER A 111 6.72 -1.92 -8.03
C SER A 111 8.07 -1.93 -8.74
N LEU A 112 8.71 -3.09 -8.73
CA LEU A 112 10.02 -3.28 -9.37
C LEU A 112 9.91 -3.61 -10.85
N LEU A 113 8.83 -4.26 -11.24
CA LEU A 113 8.67 -4.66 -12.62
C LEU A 113 8.10 -3.58 -13.53
N TYR A 114 7.16 -2.80 -12.99
CA TYR A 114 6.50 -1.77 -13.78
C TYR A 114 6.66 -0.38 -13.22
N ASN A 115 6.69 0.62 -14.10
CA ASN A 115 6.81 2.00 -13.68
C ASN A 115 5.49 2.71 -13.63
N TYR A 116 4.52 2.16 -12.91
CA TYR A 116 3.22 2.79 -12.84
C TYR A 116 2.66 2.68 -11.43
N ALA A 117 1.78 3.61 -11.06
CA ALA A 117 1.16 3.61 -9.75
C ALA A 117 -0.03 2.66 -9.77
N PHE A 118 -0.01 1.68 -8.88
CA PHE A 118 -1.08 0.69 -8.80
C PHE A 118 -2.41 1.34 -8.47
N GLU A 119 -3.39 0.50 -8.20
CA GLU A 119 -4.74 0.91 -7.83
C GLU A 119 -5.43 -0.26 -7.14
N ILE A 123 -11.48 -7.48 -4.85
CA ILE A 123 -10.70 -8.19 -3.85
C ILE A 123 -11.56 -8.66 -2.68
N SER A 124 -12.83 -8.28 -2.68
CA SER A 124 -13.74 -8.68 -1.61
C SER A 124 -14.07 -10.16 -1.71
N GLU A 125 -14.08 -10.86 -0.58
CA GLU A 125 -14.35 -12.31 -0.57
C GLU A 125 -15.73 -12.71 -1.10
N ASP A 126 -16.61 -11.71 -1.22
CA ASP A 126 -17.96 -11.92 -1.75
C ASP A 126 -17.87 -12.19 -3.26
N LYS A 127 -17.20 -11.29 -3.97
CA LYS A 127 -17.00 -11.42 -5.42
C LYS A 127 -16.32 -12.78 -5.68
N LYS A 129 -17.03 -15.52 -4.49
CA LYS A 129 -18.10 -16.50 -4.65
C LYS A 129 -18.88 -16.23 -5.93
N GLN A 130 -19.24 -14.96 -6.12
CA GLN A 130 -19.98 -14.51 -7.29
C GLN A 130 -19.20 -14.88 -8.55
N VAL A 131 -17.94 -14.47 -8.61
CA VAL A 131 -17.08 -14.73 -9.75
C VAL A 131 -16.83 -16.21 -9.98
N LYS A 132 -16.53 -16.93 -8.90
CA LYS A 132 -16.25 -18.36 -9.00
C LYS A 132 -17.53 -19.06 -9.40
N LEU A 133 -18.61 -18.78 -8.69
CA LEU A 133 -19.88 -19.41 -9.00
C LEU A 133 -20.30 -19.16 -10.43
N LYS A 134 -20.16 -17.91 -10.86
CA LYS A 134 -20.54 -17.50 -12.21
C LYS A 134 -19.66 -18.17 -13.26
N LEU A 135 -18.39 -18.38 -12.90
CA LEU A 135 -17.43 -19.02 -13.79
C LEU A 135 -17.79 -20.49 -13.92
N LYS A 136 -18.06 -21.14 -12.80
CA LYS A 136 -18.44 -22.54 -12.82
C LYS A 136 -19.75 -22.68 -13.61
N GLU A 137 -20.52 -21.59 -13.68
CA GLU A 137 -21.77 -21.62 -14.44
C GLU A 137 -21.46 -21.29 -15.90
N LEU A 138 -20.18 -21.13 -16.21
CA LEU A 138 -19.78 -20.85 -17.58
C LEU A 138 -19.06 -22.02 -18.18
N GLU A 139 -18.85 -23.05 -17.36
CA GLU A 139 -18.17 -24.28 -17.81
C GLU A 139 -19.06 -24.94 -18.86
N HIS A 140 -20.36 -24.72 -18.77
CA HIS A 140 -21.28 -25.30 -19.73
C HIS A 140 -20.98 -24.77 -21.14
N LEU A 141 -20.98 -23.45 -21.28
CA LEU A 141 -20.73 -22.80 -22.56
C LEU A 141 -19.61 -23.42 -23.36
N ASN A 142 -19.87 -23.61 -24.64
CA ASN A 142 -18.88 -24.19 -25.52
C ASN A 142 -17.74 -23.20 -25.70
N ASN A 143 -16.74 -23.57 -26.49
CA ASN A 143 -15.60 -22.70 -26.72
C ASN A 143 -15.98 -21.37 -27.36
N ASN A 144 -16.85 -21.39 -28.36
CA ASN A 144 -17.26 -20.17 -29.05
C ASN A 144 -18.29 -19.35 -28.28
N LYS A 145 -19.24 -20.01 -27.63
CA LYS A 145 -20.25 -19.27 -26.89
C LYS A 145 -19.59 -18.47 -25.77
N LEU A 146 -18.59 -19.06 -25.14
CA LEU A 146 -17.85 -18.39 -24.06
C LEU A 146 -17.02 -17.23 -24.61
N HIS A 147 -16.60 -17.36 -25.86
CA HIS A 147 -15.80 -16.35 -26.54
C HIS A 147 -16.68 -15.15 -26.86
N GLU A 148 -17.91 -15.43 -27.31
CA GLU A 148 -18.88 -14.39 -27.65
C GLU A 148 -19.07 -13.56 -26.38
N TYR A 149 -19.28 -14.28 -25.28
CA TYR A 149 -19.48 -13.67 -23.97
C TYR A 149 -18.34 -12.74 -23.63
N LEU A 150 -17.12 -13.18 -23.89
CA LEU A 150 -15.95 -12.35 -23.59
C LEU A 150 -15.98 -11.11 -24.48
N ALA A 151 -16.25 -11.31 -25.78
CA ALA A 151 -16.31 -10.21 -26.76
C ALA A 151 -17.18 -9.04 -26.29
N SER A 152 -18.36 -9.36 -25.77
CA SER A 152 -19.30 -8.35 -25.28
C SER A 152 -18.63 -7.35 -24.33
N PHE A 153 -17.65 -7.80 -23.53
CA PHE A 153 -16.99 -6.90 -22.60
C PHE A 153 -15.74 -6.32 -23.16
N ASP A 154 -14.73 -7.16 -23.29
CA ASP A 154 -13.45 -6.72 -23.79
C ASP A 154 -13.24 -7.14 -25.23
N LYS A 155 -13.51 -6.22 -26.14
CA LYS A 155 -13.38 -6.50 -27.57
C LYS A 155 -11.92 -6.74 -27.92
N GLU A 156 -11.03 -5.94 -27.35
CA GLU A 156 -9.61 -6.07 -27.63
C GLU A 156 -9.07 -7.47 -27.27
N SER A 157 -9.49 -8.00 -26.12
CA SER A 157 -9.03 -9.32 -25.69
C SER A 157 -9.56 -10.44 -26.58
N ALA A 158 -10.88 -10.55 -26.70
CA ALA A 158 -11.48 -11.60 -27.52
C ALA A 158 -11.01 -11.49 -28.96
N LYS A 159 -10.54 -10.30 -29.35
CA LYS A 159 -10.06 -10.10 -30.69
C LYS A 159 -8.86 -11.02 -30.97
N ASP A 160 -7.76 -10.86 -30.25
CA ASP A 160 -6.60 -11.71 -30.49
C ASP A 160 -6.66 -13.13 -29.89
N ILE A 161 -7.19 -13.29 -28.68
CA ILE A 161 -7.30 -14.61 -28.07
C ILE A 161 -8.23 -15.51 -28.91
N HIS A 162 -7.69 -16.59 -29.48
CA HIS A 162 -8.50 -17.49 -30.30
C HIS A 162 -9.50 -18.24 -29.40
N PRO A 163 -10.75 -18.41 -29.85
CA PRO A 163 -11.78 -19.10 -29.04
C PRO A 163 -11.49 -20.52 -28.54
N ASN A 164 -10.42 -21.12 -29.04
CA ASN A 164 -10.05 -22.46 -28.64
C ASN A 164 -9.04 -22.43 -27.51
N ASN A 165 -8.62 -21.25 -27.09
CA ASN A 165 -7.68 -21.13 -25.98
C ASN A 165 -8.48 -20.78 -24.74
N ARG A 166 -9.41 -21.67 -24.37
CA ARG A 166 -10.28 -21.42 -23.24
C ARG A 166 -9.56 -20.83 -22.04
N LYS A 167 -8.37 -21.31 -21.76
CA LYS A 167 -7.62 -20.77 -20.62
C LYS A 167 -7.53 -19.25 -20.64
N ARG A 168 -6.83 -18.71 -21.62
CA ARG A 168 -6.69 -17.26 -21.68
C ARG A 168 -8.02 -16.52 -21.71
N VAL A 169 -9.04 -17.12 -22.32
CA VAL A 169 -10.34 -16.48 -22.38
C VAL A 169 -10.96 -16.39 -21.00
N LEU A 170 -10.86 -17.46 -20.21
CA LEU A 170 -11.42 -17.41 -18.85
C LEU A 170 -10.67 -16.38 -18.01
N ARG A 171 -9.35 -16.39 -18.11
CA ARG A 171 -8.55 -15.46 -17.36
C ARG A 171 -9.05 -14.03 -17.59
N ALA A 172 -9.41 -13.73 -18.83
CA ALA A 172 -9.92 -12.42 -19.17
C ALA A 172 -11.31 -12.25 -18.55
N ILE A 173 -12.20 -13.20 -18.80
CA ILE A 173 -13.55 -13.16 -18.23
C ILE A 173 -13.48 -13.14 -16.70
N GLU A 174 -12.54 -13.89 -16.14
CA GLU A 174 -12.34 -13.95 -14.70
C GLU A 174 -11.94 -12.59 -14.12
N TYR A 175 -10.97 -11.93 -14.77
CA TYR A 175 -10.46 -10.63 -14.35
C TYR A 175 -11.54 -9.55 -14.33
N TYR A 176 -12.29 -9.48 -15.43
CA TYR A 176 -13.38 -8.53 -15.60
C TYR A 176 -14.40 -8.69 -14.48
N LEU A 177 -14.99 -9.89 -14.40
CA LEU A 177 -15.99 -10.19 -13.39
C LEU A 177 -15.59 -9.76 -11.96
N LYS A 178 -14.30 -9.76 -11.64
CA LYS A 178 -13.83 -9.37 -10.33
C LYS A 178 -13.64 -7.86 -10.20
N THR A 179 -12.73 -7.31 -11.00
CA THR A 179 -12.44 -5.89 -10.98
C THR A 179 -13.45 -5.05 -11.77
N LYS A 180 -14.28 -5.72 -12.57
CA LYS A 180 -15.30 -5.03 -13.35
C LYS A 180 -14.72 -4.06 -14.36
N LYS A 181 -13.40 -4.15 -14.59
CA LYS A 181 -12.78 -3.25 -15.54
C LYS A 181 -11.97 -3.99 -16.59
N LEU A 182 -11.55 -3.20 -17.58
CA LEU A 182 -10.74 -3.60 -18.75
C LEU A 182 -9.55 -4.53 -18.44
N LEU A 183 -9.50 -5.70 -19.07
CA LEU A 183 -8.39 -6.66 -18.84
C LEU A 183 -7.23 -6.50 -19.80
N SER A 184 -7.57 -6.34 -21.06
CA SER A 184 -6.60 -6.14 -22.09
C SER A 184 -5.86 -4.82 -21.82
N SER A 185 -6.42 -4.00 -20.94
CA SER A 185 -5.81 -2.71 -20.59
C SER A 185 -4.65 -2.87 -19.63
N ARG A 186 -4.79 -3.78 -18.67
CA ARG A 186 -3.73 -4.04 -17.68
C ARG A 186 -2.58 -4.60 -18.51
N LYS A 187 -2.93 -5.42 -19.49
CA LYS A 187 -1.96 -6.02 -20.34
C LYS A 187 -1.16 -4.91 -21.00
N LYS A 188 -1.86 -3.97 -21.60
CA LYS A 188 -1.18 -2.87 -22.27
C LYS A 188 -0.25 -2.08 -21.37
N VAL A 189 -0.80 -1.46 -20.33
CA VAL A 189 0.03 -0.68 -19.43
C VAL A 189 1.20 -1.45 -18.83
N GLN A 190 0.99 -2.71 -18.46
CA GLN A 190 2.07 -3.50 -17.89
C GLN A 190 3.09 -3.82 -18.97
N GLN A 191 2.62 -3.92 -20.20
CA GLN A 191 3.48 -4.23 -21.33
C GLN A 191 4.36 -3.06 -21.74
N PHE A 192 3.91 -1.85 -21.43
CA PHE A 192 4.67 -0.67 -21.83
C PHE A 192 5.46 -0.05 -20.71
N THR A 193 5.03 -0.26 -19.46
CA THR A 193 5.72 0.32 -18.32
C THR A 193 6.69 -0.66 -17.70
N GLU A 194 6.94 -1.77 -18.39
CA GLU A 194 7.84 -2.78 -17.86
C GLU A 194 9.31 -2.43 -18.01
N ASN A 195 10.05 -2.58 -16.92
CA ASN A 195 11.44 -2.24 -16.92
C ASN A 195 12.34 -3.36 -17.34
N TYR A 196 11.88 -4.60 -17.25
CA TYR A 196 12.74 -5.71 -17.63
C TYR A 196 12.07 -6.76 -18.48
N ASP A 197 12.91 -7.55 -19.15
CA ASP A 197 12.46 -8.67 -19.98
C ASP A 197 12.26 -9.81 -18.97
N THR A 198 11.25 -9.65 -18.11
CA THR A 198 10.97 -10.60 -17.04
C THR A 198 10.49 -12.00 -17.39
N LEU A 199 10.93 -12.96 -16.58
CA LEU A 199 10.53 -14.35 -16.71
C LEU A 199 9.94 -14.69 -15.35
N LEU A 200 8.74 -14.15 -15.10
CA LEU A 200 8.06 -14.32 -13.84
C LEU A 200 7.46 -15.70 -13.64
N ILE A 201 8.01 -16.45 -12.69
CA ILE A 201 7.51 -17.78 -12.41
C ILE A 201 7.11 -17.91 -10.92
N GLY A 202 6.03 -18.65 -10.67
CA GLY A 202 5.56 -18.84 -9.31
C GLY A 202 5.27 -20.30 -9.01
N ILE A 203 5.49 -20.70 -7.77
CA ILE A 203 5.25 -22.07 -7.34
C ILE A 203 3.89 -22.12 -6.67
N GLU A 204 2.98 -22.90 -7.24
CA GLU A 204 1.63 -23.00 -6.72
C GLU A 204 1.33 -24.35 -6.06
N SER A 206 -2.32 -26.62 -3.99
CA SER A 206 -3.70 -26.57 -3.50
C SER A 206 -3.76 -25.98 -2.11
N ARG A 207 -4.88 -25.33 -1.79
CA ARG A 207 -5.04 -24.72 -0.47
C ARG A 207 -4.87 -25.77 0.61
N GLU A 208 -5.26 -27.00 0.31
CA GLU A 208 -5.14 -28.09 1.28
C GLU A 208 -3.67 -28.29 1.66
N THR A 209 -2.84 -28.62 0.67
CA THR A 209 -1.42 -28.85 0.91
C THR A 209 -0.75 -27.60 1.48
N LEU A 210 -1.09 -26.45 0.93
CA LEU A 210 -0.53 -25.19 1.40
C LEU A 210 -0.70 -25.04 2.91
N TYR A 211 -1.95 -25.02 3.35
CA TYR A 211 -2.27 -24.87 4.76
C TYR A 211 -1.63 -25.91 5.66
N LEU A 212 -1.51 -27.13 5.15
CA LEU A 212 -0.90 -28.19 5.93
C LEU A 212 0.59 -27.94 6.11
N ARG A 213 1.26 -27.55 5.03
CA ARG A 213 2.70 -27.30 5.08
C ARG A 213 3.02 -26.11 5.97
N ILE A 214 2.20 -25.07 5.91
CA ILE A 214 2.41 -23.91 6.73
C ILE A 214 2.32 -24.32 8.21
N ASN A 215 1.27 -25.02 8.59
CA ASN A 215 1.20 -25.45 9.98
C ASN A 215 2.46 -26.20 10.36
N LYS A 216 2.97 -27.00 9.43
CA LYS A 216 4.18 -27.77 9.71
C LYS A 216 5.44 -26.92 9.77
N ARG A 217 5.47 -25.80 9.06
CA ARG A 217 6.65 -24.95 9.07
C ARG A 217 6.69 -24.12 10.35
N VAL A 218 5.51 -23.85 10.90
CA VAL A 218 5.44 -23.07 12.13
C VAL A 218 5.93 -23.99 13.25
N ASP A 219 5.60 -25.27 13.17
CA ASP A 219 6.03 -26.21 14.20
C ASP A 219 7.55 -26.30 14.20
N ILE A 220 8.15 -26.38 13.02
CA ILE A 220 9.59 -26.47 12.92
C ILE A 220 10.28 -25.23 13.48
N LEU A 222 9.29 -23.15 15.77
CA LEU A 222 9.22 -23.17 17.22
C LEU A 222 10.26 -24.14 17.71
N GLY A 223 10.39 -25.26 16.98
CA GLY A 223 11.34 -26.29 17.35
C GLY A 223 12.77 -25.89 17.07
N HIS A 224 12.99 -24.87 16.27
CA HIS A 224 14.36 -24.44 15.98
C HIS A 224 14.85 -23.27 16.82
N GLY A 225 13.99 -22.73 17.69
CA GLY A 225 14.41 -21.63 18.52
C GLY A 225 13.85 -20.27 18.16
N LEU A 226 12.71 -20.27 17.48
CA LEU A 226 12.03 -19.01 17.09
C LEU A 226 11.76 -18.16 18.31
N PHE A 227 11.16 -18.77 19.33
CA PHE A 227 10.84 -18.05 20.54
C PHE A 227 12.12 -17.49 21.17
N ASN A 228 13.21 -18.26 21.14
CA ASN A 228 14.46 -17.78 21.73
C ASN A 228 14.93 -16.53 20.97
N GLU A 229 14.67 -16.52 19.68
CA GLU A 229 15.08 -15.39 18.86
C GLU A 229 14.30 -14.13 19.23
N VAL A 230 12.97 -14.22 19.25
CA VAL A 230 12.17 -13.04 19.59
C VAL A 230 12.51 -12.57 20.99
N GLN A 231 13.11 -13.43 21.79
CA GLN A 231 13.50 -13.07 23.15
C GLN A 231 14.72 -12.17 23.11
N HIS A 232 15.70 -12.53 22.29
CA HIS A 232 16.91 -11.73 22.17
C HIS A 232 16.57 -10.38 21.57
N LEU A 233 15.65 -10.36 20.61
CA LEU A 233 15.26 -9.12 19.97
C LEU A 233 14.50 -8.20 20.91
N VAL A 234 13.49 -8.75 21.58
CA VAL A 234 12.70 -7.97 22.52
C VAL A 234 13.56 -7.49 23.69
N GLU A 235 14.58 -8.24 24.05
CA GLU A 235 15.47 -7.86 25.13
C GLU A 235 16.37 -6.71 24.70
N GLN A 236 16.77 -6.71 23.43
CA GLN A 236 17.60 -5.64 22.90
C GLN A 236 16.77 -4.38 22.62
N GLY A 237 15.56 -4.36 23.17
CA GLY A 237 14.67 -3.23 22.99
C GLY A 237 14.16 -3.00 21.60
N PHE A 238 14.47 -3.89 20.67
CA PHE A 238 14.00 -3.73 19.30
C PHE A 238 12.49 -3.83 19.16
N GLU A 239 11.80 -3.86 20.28
CA GLU A 239 10.35 -3.92 20.30
C GLU A 239 9.83 -2.55 19.82
N ALA A 240 8.56 -2.45 19.47
CA ALA A 240 7.99 -1.18 19.02
C ALA A 240 8.42 -0.83 17.58
N SER A 241 9.29 -1.66 17.02
CA SER A 241 9.80 -1.45 15.66
C SER A 241 8.89 -2.10 14.62
N GLN A 242 8.95 -1.60 13.40
CA GLN A 242 8.13 -2.13 12.32
C GLN A 242 8.39 -3.62 12.15
N SER A 243 9.66 -3.98 12.10
CA SER A 243 10.03 -5.37 11.92
C SER A 243 9.38 -6.30 12.96
N GLN A 245 6.66 -6.30 14.13
CA GLN A 245 5.22 -6.36 13.91
C GLN A 245 4.87 -7.38 12.86
N ALA A 246 5.89 -7.97 12.26
CA ALA A 246 5.69 -8.97 11.22
C ALA A 246 5.17 -10.27 11.83
N ILE A 247 4.35 -10.98 11.06
CA ILE A 247 3.80 -12.24 11.52
C ILE A 247 4.95 -13.16 11.93
N GLY A 248 4.88 -13.66 13.16
CA GLY A 248 5.93 -14.52 13.67
C GLY A 248 6.74 -13.86 14.78
N TYR A 249 6.42 -12.61 15.09
CA TYR A 249 7.11 -11.91 16.14
C TYR A 249 6.09 -11.18 16.97
N LYS A 250 5.14 -10.51 16.32
CA LYS A 250 4.13 -9.76 17.04
C LYS A 250 3.23 -10.67 17.88
N GLU A 251 3.08 -11.94 17.48
CA GLU A 251 2.25 -12.86 18.23
C GLU A 251 2.97 -13.40 19.44
N LEU A 252 4.27 -13.61 19.31
CA LEU A 252 5.07 -14.12 20.40
C LEU A 252 5.48 -13.09 21.42
N VAL A 253 5.51 -11.82 21.06
CA VAL A 253 5.91 -10.80 22.05
C VAL A 253 5.03 -10.84 23.29
N PRO A 254 3.69 -10.93 23.10
CA PRO A 254 2.75 -10.97 24.23
C PRO A 254 2.97 -12.14 25.18
N VAL A 255 3.31 -13.29 24.63
CA VAL A 255 3.52 -14.48 25.43
C VAL A 255 4.79 -14.35 26.28
N ILE A 256 5.68 -13.46 25.88
CA ILE A 256 6.92 -13.22 26.61
C ILE A 256 6.62 -12.38 27.84
N LYS A 257 5.51 -11.67 27.81
CA LYS A 257 5.09 -10.83 28.91
C LYS A 257 4.19 -11.61 29.87
N GLY A 258 3.55 -12.64 29.35
CA GLY A 258 2.69 -13.47 30.18
C GLY A 258 1.24 -13.03 30.09
N ASN A 259 0.90 -12.34 29.02
CA ASN A 259 -0.47 -11.90 28.85
C ASN A 259 -1.25 -12.89 28.00
N ILE A 260 -0.53 -13.70 27.23
CA ILE A 260 -1.19 -14.69 26.40
C ILE A 260 -0.43 -16.03 26.52
N SER A 261 -1.16 -17.14 26.39
CA SER A 261 -0.54 -18.47 26.51
C SER A 261 0.17 -18.88 25.23
N GLU A 263 0.12 -21.72 23.73
CA GLU A 263 -0.82 -22.46 22.89
C GLU A 263 -1.64 -21.54 22.00
N ASN A 264 -2.40 -20.66 22.66
CA ASN A 264 -3.24 -19.69 21.98
C ASN A 264 -2.46 -18.84 20.96
N ALA A 265 -1.28 -18.37 21.36
CA ALA A 265 -0.43 -17.58 20.49
C ALA A 265 -0.05 -18.36 19.24
N VAL A 266 0.47 -19.56 19.44
CA VAL A 266 0.86 -20.39 18.30
C VAL A 266 -0.32 -20.61 17.39
N GLU A 267 -1.50 -20.74 17.98
CA GLU A 267 -2.72 -20.95 17.20
C GLU A 267 -2.94 -19.77 16.25
N LYS A 268 -2.69 -18.56 16.75
CA LYS A 268 -2.84 -17.34 15.96
C LYS A 268 -1.69 -17.17 14.98
N LEU A 269 -0.51 -17.66 15.35
CA LEU A 269 0.66 -17.57 14.47
C LEU A 269 0.48 -18.42 13.21
N LYS A 270 -0.07 -19.62 13.35
CA LYS A 270 -0.29 -20.49 12.19
C LYS A 270 -1.44 -19.95 11.36
N GLN A 271 -2.36 -19.24 12.00
CA GLN A 271 -3.49 -18.68 11.28
C GLN A 271 -3.00 -17.51 10.42
N HIS A 272 -2.46 -16.47 11.06
CA HIS A 272 -1.93 -15.30 10.31
C HIS A 272 -1.04 -15.76 9.17
N SER A 273 -0.35 -16.89 9.37
CA SER A 273 0.54 -17.40 8.36
C SER A 273 -0.27 -17.98 7.22
N ARG A 274 -1.38 -18.64 7.54
CA ARG A 274 -2.24 -19.21 6.50
C ARG A 274 -2.92 -18.09 5.70
N GLN A 275 -3.46 -17.09 6.39
CA GLN A 275 -4.14 -15.98 5.72
C GLN A 275 -3.16 -15.23 4.83
N TYR A 276 -1.98 -14.96 5.37
CA TYR A 276 -0.96 -14.24 4.63
C TYR A 276 -0.59 -14.97 3.35
N ALA A 277 -0.28 -16.26 3.47
CA ALA A 277 0.08 -17.06 2.32
C ALA A 277 -1.01 -17.01 1.27
N LYS A 278 -2.26 -17.03 1.73
CA LYS A 278 -3.40 -17.01 0.83
C LYS A 278 -3.49 -15.68 0.12
N ARG A 279 -3.47 -14.60 0.90
CA ARG A 279 -3.55 -13.25 0.33
C ARG A 279 -2.46 -13.02 -0.73
N GLN A 280 -1.26 -13.56 -0.50
CA GLN A 280 -0.17 -13.40 -1.43
C GLN A 280 -0.36 -14.23 -2.69
N LEU A 281 -1.02 -15.37 -2.55
CA LEU A 281 -1.24 -16.25 -3.68
C LEU A 281 -2.32 -15.58 -4.54
N THR A 282 -3.34 -15.05 -3.88
CA THR A 282 -4.44 -14.38 -4.56
C THR A 282 -3.97 -13.22 -5.42
N TRP A 283 -3.10 -12.38 -4.85
CA TRP A 283 -2.55 -11.20 -5.53
C TRP A 283 -1.78 -11.57 -6.80
N PHE A 284 -0.88 -12.54 -6.69
CA PHE A 284 -0.07 -12.97 -7.82
C PHE A 284 -0.88 -13.64 -8.90
N LYS A 285 -2.17 -13.84 -8.67
CA LYS A 285 -2.98 -14.46 -9.70
C LYS A 285 -3.93 -13.48 -10.32
N ASN A 286 -4.28 -12.43 -9.58
CA ASN A 286 -5.20 -11.41 -10.05
C ASN A 286 -4.53 -10.09 -10.41
N LYS A 287 -3.22 -10.08 -10.57
CA LYS A 287 -2.54 -8.84 -10.88
C LYS A 287 -1.36 -9.05 -11.78
N ASN A 289 1.01 -11.74 -14.37
CA ASN A 289 0.89 -12.79 -15.34
C ASN A 289 2.08 -13.68 -15.03
N VAL A 290 1.88 -14.58 -14.08
CA VAL A 290 2.93 -15.50 -13.67
C VAL A 290 2.81 -16.87 -14.32
N HIS A 291 3.96 -17.48 -14.62
CA HIS A 291 4.02 -18.82 -15.21
C HIS A 291 4.12 -19.75 -14.00
N TRP A 292 2.96 -20.21 -13.53
CA TRP A 292 2.89 -21.06 -12.36
C TRP A 292 3.36 -22.50 -12.57
N LEU A 293 4.13 -23.01 -11.60
CA LEU A 293 4.64 -24.38 -11.59
C LEU A 293 3.91 -25.02 -10.44
N ASN A 294 3.13 -26.06 -10.72
CA ASN A 294 2.37 -26.75 -9.68
C ASN A 294 3.28 -27.66 -8.85
N LYS A 295 3.63 -27.23 -7.64
CA LYS A 295 4.51 -27.98 -6.77
C LYS A 295 3.97 -29.36 -6.41
N GLU A 296 2.67 -29.56 -6.57
CA GLU A 296 2.07 -30.85 -6.25
C GLU A 296 2.16 -31.84 -7.41
N ARG A 297 3.00 -31.52 -8.40
CA ARG A 297 3.15 -32.35 -9.58
C ARG A 297 4.55 -32.29 -10.16
N SER A 299 8.92 -31.50 -9.29
CA SER A 299 9.96 -31.53 -8.30
C SER A 299 11.00 -30.46 -8.54
N LEU A 300 11.88 -30.25 -7.57
CA LEU A 300 12.92 -29.24 -7.71
C LEU A 300 13.61 -29.37 -9.06
N GLN A 301 13.94 -30.59 -9.46
CA GLN A 301 14.60 -30.83 -10.75
C GLN A 301 13.66 -30.63 -11.93
N LEU A 304 13.29 -26.92 -12.51
CA LEU A 304 14.50 -26.38 -13.13
C LEU A 304 14.53 -26.65 -14.62
N ASP A 305 13.78 -27.65 -15.06
CA ASP A 305 13.75 -27.95 -16.49
C ASP A 305 12.72 -27.13 -17.19
N GLU A 306 11.63 -26.83 -16.49
CA GLU A 306 10.58 -26.01 -17.06
C GLU A 306 11.17 -24.64 -17.37
N ILE A 307 11.97 -24.14 -16.43
CA ILE A 307 12.62 -22.85 -16.55
C ILE A 307 13.73 -22.89 -17.60
N THR A 308 14.39 -24.03 -17.71
CA THR A 308 15.48 -24.16 -18.66
C THR A 308 14.94 -24.13 -20.08
N THR A 309 13.71 -24.59 -20.26
CA THR A 309 13.09 -24.58 -21.58
C THR A 309 12.67 -23.16 -21.92
N GLN A 310 12.22 -22.45 -20.91
CA GLN A 310 11.79 -21.08 -21.07
C GLN A 310 13.01 -20.19 -21.38
N ILE A 311 14.16 -20.53 -20.78
CA ILE A 311 15.38 -19.75 -21.02
C ILE A 311 16.03 -20.06 -22.35
N ASN A 312 15.78 -21.27 -22.88
CA ASN A 312 16.35 -21.64 -24.18
C ASN A 312 15.58 -20.96 -25.32
N LYS A 313 14.74 -19.97 -24.99
CA LYS A 313 13.98 -19.19 -25.98
C LYS A 313 14.54 -17.77 -25.93
N ARG A 314 14.64 -17.22 -24.71
CA ARG A 314 15.17 -15.87 -24.50
C ARG A 314 16.55 -15.74 -25.13
N SER A 315 17.16 -16.86 -25.45
CA SER A 315 18.49 -16.87 -26.08
C SER A 315 18.43 -17.28 -27.55
N LYS B 6 -1.52 7.89 24.95
CA LYS B 6 -2.29 8.87 25.76
C LYS B 6 -1.78 10.32 25.65
N PRO B 7 -0.56 10.55 25.10
CA PRO B 7 -0.13 11.97 25.02
C PRO B 7 -1.06 12.72 24.04
N PHE B 8 -1.14 14.05 24.18
CA PHE B 8 -2.04 14.84 23.33
C PHE B 8 -1.43 15.19 21.98
N LEU B 9 -2.21 15.02 20.90
CA LEU B 9 -1.75 15.31 19.54
C LEU B 9 -2.87 15.90 18.67
N ILE B 10 -2.59 16.98 17.95
CA ILE B 10 -3.59 17.58 17.05
C ILE B 10 -3.25 17.14 15.63
N VAL B 11 -4.25 16.75 14.85
CA VAL B 11 -3.99 16.35 13.46
C VAL B 11 -4.97 17.12 12.53
N ILE B 12 -4.40 17.88 11.60
CA ILE B 12 -5.20 18.68 10.68
C ILE B 12 -4.93 18.26 9.24
N VAL B 13 -5.82 17.44 8.69
CA VAL B 13 -5.69 16.95 7.32
C VAL B 13 -6.63 17.71 6.43
N GLY B 14 -6.37 17.70 5.14
CA GLY B 14 -7.23 18.42 4.20
C GLY B 14 -6.55 18.54 2.86
N PRO B 15 -7.31 18.73 1.78
CA PRO B 15 -6.67 18.84 0.47
C PRO B 15 -5.67 19.98 0.39
N THR B 16 -4.74 19.89 -0.55
CA THR B 16 -3.71 20.93 -0.73
C THR B 16 -4.30 22.34 -0.75
N ALA B 17 -3.62 23.25 -0.09
CA ALA B 17 -4.08 24.64 -0.04
C ALA B 17 -5.56 24.75 0.29
N SER B 18 -5.96 24.12 1.40
CA SER B 18 -7.35 24.16 1.83
C SER B 18 -7.41 24.89 3.16
N GLY B 19 -6.28 25.46 3.54
CA GLY B 19 -6.22 26.19 4.79
C GLY B 19 -5.67 25.35 5.94
N LYS B 20 -5.46 24.06 5.70
CA LYS B 20 -4.93 23.22 6.77
C LYS B 20 -3.56 23.79 7.24
N THR B 21 -2.72 24.20 6.31
CA THR B 21 -1.42 24.73 6.68
C THR B 21 -1.53 26.01 7.48
N GLU B 22 -2.39 26.92 7.04
CA GLU B 22 -2.57 28.18 7.73
C GLU B 22 -3.19 27.90 9.10
N LEU B 23 -4.25 27.11 9.11
CA LEU B 23 -4.92 26.77 10.35
C LEU B 23 -3.93 26.18 11.37
N SER B 24 -3.06 25.28 10.92
CA SER B 24 -2.07 24.66 11.81
C SER B 24 -1.26 25.73 12.54
N ILE B 25 -0.72 26.68 11.79
CA ILE B 25 0.07 27.75 12.39
C ILE B 25 -0.75 28.55 13.41
N GLU B 26 -2.00 28.88 13.06
CA GLU B 26 -2.87 29.64 13.96
C GLU B 26 -3.09 28.89 15.27
N VAL B 27 -3.23 27.58 15.18
CA VAL B 27 -3.42 26.75 16.36
C VAL B 27 -2.10 26.70 17.12
N ALA B 28 -1.00 26.62 16.38
CA ALA B 28 0.32 26.56 16.96
C ALA B 28 0.64 27.85 17.69
N LYS B 29 0.08 28.96 17.22
CA LYS B 29 0.32 30.24 17.86
C LYS B 29 -0.59 30.50 19.06
N LYS B 30 -1.74 29.85 19.09
CA LYS B 30 -2.64 30.04 20.22
C LYS B 30 -2.36 29.04 21.35
N PHE B 31 -1.64 27.95 21.04
CA PHE B 31 -1.31 26.94 22.05
C PHE B 31 0.17 26.59 22.00
N ASN B 32 1.00 27.61 21.74
CA ASN B 32 2.45 27.48 21.60
C ASN B 32 2.89 26.03 21.32
N GLY B 33 2.55 25.57 20.12
CA GLY B 33 2.90 24.23 19.72
C GLY B 33 3.88 24.28 18.56
N GLU B 34 4.21 23.12 18.00
CA GLU B 34 5.12 23.05 16.87
C GLU B 34 4.50 22.05 15.92
N ILE B 35 4.73 22.27 14.63
CA ILE B 35 4.14 21.45 13.59
C ILE B 35 5.08 20.42 12.95
N ILE B 36 4.55 19.25 12.66
CA ILE B 36 5.31 18.21 12.01
C ILE B 36 4.63 18.00 10.66
N SER B 37 5.33 18.30 9.58
CA SER B 37 4.75 18.14 8.26
C SER B 37 4.37 16.67 8.00
N GLY B 38 3.12 16.44 7.60
CA GLY B 38 2.66 15.10 7.31
C GLY B 38 2.79 14.75 5.85
N ASP B 39 3.13 15.76 5.04
CA ASP B 39 3.29 15.60 3.61
C ASP B 39 4.49 14.75 3.23
N SER B 40 4.27 13.71 2.42
CA SER B 40 5.37 12.83 2.03
C SER B 40 6.25 13.40 0.92
N GLN B 42 7.04 17.11 0.90
CA GLN B 42 7.70 18.29 1.44
C GLN B 42 8.99 17.91 2.17
N VAL B 43 9.28 16.62 2.20
CA VAL B 43 10.49 16.14 2.83
C VAL B 43 11.71 16.32 1.93
N TYR B 44 11.46 16.43 0.63
CA TYR B 44 12.54 16.58 -0.34
C TYR B 44 12.94 18.04 -0.58
N GLN B 45 14.24 18.31 -0.55
CA GLN B 45 14.75 19.67 -0.77
C GLN B 45 14.87 19.95 -2.27
N GLY B 46 14.44 21.16 -2.68
CA GLY B 46 14.50 21.52 -4.08
C GLY B 46 13.13 21.42 -4.74
N ASP B 48 9.91 22.52 -3.87
CA ASP B 48 9.09 23.38 -3.03
C ASP B 48 7.79 23.84 -3.68
N ILE B 49 7.85 24.22 -4.95
CA ILE B 49 6.66 24.69 -5.65
C ILE B 49 5.61 23.60 -5.93
N GLY B 50 6.04 22.49 -6.52
CA GLY B 50 5.11 21.43 -6.84
C GLY B 50 4.53 20.70 -5.64
N THR B 51 5.04 20.99 -4.47
CA THR B 51 4.56 20.32 -3.28
C THR B 51 3.82 21.25 -2.33
N ALA B 52 3.67 22.51 -2.74
CA ALA B 52 2.98 23.53 -1.93
C ALA B 52 3.70 23.71 -0.59
N LYS B 53 5.03 23.53 -0.62
CA LYS B 53 5.87 23.67 0.57
C LYS B 53 5.81 25.06 1.17
N VAL B 54 5.42 25.13 2.44
CA VAL B 54 5.35 26.39 3.16
C VAL B 54 6.74 26.99 3.37
N THR B 55 6.85 28.31 3.18
CA THR B 55 8.14 28.98 3.30
C THR B 55 8.49 29.39 4.72
N THR B 56 9.78 29.52 4.97
CA THR B 56 10.23 29.89 6.31
C THR B 56 9.46 31.12 6.80
N GLU B 57 9.19 32.06 5.91
CA GLU B 57 8.49 33.28 6.28
C GLU B 57 7.05 33.04 6.70
N GLU B 58 6.38 32.20 5.94
CA GLU B 58 4.98 31.91 6.21
C GLU B 58 4.80 31.14 7.50
N GLU B 60 5.71 31.88 10.19
CA GLU B 60 5.55 32.87 11.26
C GLU B 60 6.23 32.53 12.57
N GLY B 61 7.44 31.98 12.51
CA GLY B 61 8.13 31.66 13.75
C GLY B 61 7.89 30.25 14.24
N ILE B 62 6.70 29.71 14.04
CA ILE B 62 6.42 28.35 14.48
C ILE B 62 7.38 27.37 13.79
N PRO B 63 8.12 26.59 14.59
CA PRO B 63 9.06 25.62 14.03
C PRO B 63 8.41 24.42 13.34
N HIS B 64 8.85 24.11 12.12
CA HIS B 64 8.30 22.97 11.38
C HIS B 64 9.33 21.85 11.17
N TYR B 65 8.88 20.60 11.23
CA TYR B 65 9.77 19.45 11.04
C TYR B 65 9.31 18.62 9.85
N ILE B 67 10.51 18.78 6.85
CA ILE B 67 10.55 19.59 5.62
C ILE B 67 11.99 19.82 5.17
N ASP B 68 12.32 19.39 3.96
CA ASP B 68 13.69 19.53 3.43
C ASP B 68 14.68 18.74 4.26
N ILE B 69 14.36 17.49 4.55
CA ILE B 69 15.23 16.66 5.35
C ILE B 69 15.94 15.59 4.52
N LEU B 70 15.61 15.53 3.23
CA LEU B 70 16.23 14.54 2.36
C LEU B 70 16.40 15.08 0.94
N PRO B 71 17.32 14.50 0.17
CA PRO B 71 17.55 14.94 -1.21
C PRO B 71 16.50 14.20 -2.06
N PRO B 72 16.28 14.66 -3.30
CA PRO B 72 15.31 14.03 -4.19
C PRO B 72 15.46 12.50 -4.41
N ASP B 73 16.71 12.05 -4.57
CA ASP B 73 17.01 10.63 -4.80
C ASP B 73 16.84 9.77 -3.54
N ALA B 74 16.54 10.41 -2.42
CA ALA B 74 16.35 9.70 -1.16
C ALA B 74 15.01 8.97 -1.18
N SER B 75 14.88 7.98 -0.32
CA SER B 75 13.66 7.21 -0.25
C SER B 75 12.84 7.55 0.98
N PHE B 76 11.52 7.45 0.83
CA PHE B 76 10.64 7.76 1.94
C PHE B 76 9.49 6.78 1.94
N SER B 77 8.79 6.68 3.07
CA SER B 77 7.69 5.72 3.19
C SER B 77 6.81 5.99 4.41
N ALA B 78 5.65 5.38 4.43
CA ALA B 78 4.75 5.55 5.55
C ALA B 78 5.44 5.28 6.89
N TYR B 79 6.19 4.18 7.03
CA TYR B 79 6.84 3.92 8.32
C TYR B 79 8.00 4.87 8.58
N GLU B 80 8.75 5.19 7.53
CA GLU B 80 9.87 6.11 7.70
C GLU B 80 9.34 7.37 8.40
N PHE B 81 8.18 7.83 7.97
CA PHE B 81 7.50 9.00 8.54
C PHE B 81 7.11 8.74 10.00
N LYS B 82 6.63 7.53 10.26
CA LYS B 82 6.20 7.13 11.61
C LYS B 82 7.37 7.11 12.59
N LYS B 83 8.48 6.52 12.16
CA LYS B 83 9.67 6.45 13.01
C LYS B 83 10.11 7.87 13.44
N ARG B 84 10.26 8.75 12.45
CA ARG B 84 10.70 10.14 12.69
C ARG B 84 9.65 10.97 13.40
N ALA B 85 8.38 10.79 13.04
CA ALA B 85 7.32 11.54 13.68
C ALA B 85 7.17 11.16 15.16
N GLU B 86 7.23 9.87 15.48
CA GLU B 86 7.07 9.44 16.87
C GLU B 86 8.12 10.08 17.75
N LYS B 87 9.34 10.20 17.24
CA LYS B 87 10.40 10.80 18.04
C LYS B 87 10.09 12.27 18.28
N TYR B 88 9.75 13.00 17.22
CA TYR B 88 9.43 14.42 17.36
C TYR B 88 8.23 14.67 18.26
N ILE B 89 7.20 13.83 18.14
CA ILE B 89 6.03 13.99 18.98
C ILE B 89 6.40 13.88 20.47
N LYS B 90 7.38 13.05 20.80
CA LYS B 90 7.82 12.90 22.19
C LYS B 90 8.68 14.07 22.62
N ASP B 91 9.65 14.42 21.77
CA ASP B 91 10.52 15.54 22.08
C ASP B 91 9.69 16.80 22.33
N ILE B 92 8.71 17.05 21.46
CA ILE B 92 7.83 18.20 21.57
C ILE B 92 7.07 18.22 22.90
N THR B 93 6.37 17.14 23.20
CA THR B 93 5.61 17.03 24.45
C THR B 93 6.53 17.16 25.64
N ARG B 94 7.74 16.61 25.50
CA ARG B 94 8.73 16.63 26.55
C ARG B 94 9.14 18.06 26.92
N ARG B 95 9.01 18.99 25.98
CA ARG B 95 9.36 20.36 26.26
C ARG B 95 8.10 21.18 26.54
N GLY B 96 7.10 20.49 27.09
CA GLY B 96 5.84 21.12 27.45
C GLY B 96 5.10 21.85 26.35
N LYS B 97 5.17 21.34 25.13
CA LYS B 97 4.49 21.98 24.01
C LYS B 97 3.41 21.06 23.43
N VAL B 98 2.71 21.55 22.42
CA VAL B 98 1.65 20.79 21.77
C VAL B 98 2.02 20.29 20.39
N PRO B 99 2.30 18.99 20.28
CA PRO B 99 2.66 18.40 18.99
C PRO B 99 1.48 18.46 18.02
N ILE B 100 1.73 19.06 16.85
CA ILE B 100 0.71 19.23 15.82
C ILE B 100 1.22 18.74 14.47
N ILE B 101 0.50 17.84 13.84
CA ILE B 101 0.89 17.37 12.53
C ILE B 101 -0.05 17.96 11.47
N ALA B 102 0.58 18.62 10.50
CA ALA B 102 -0.16 19.26 9.42
C ALA B 102 0.00 18.42 8.18
N GLY B 103 -1.13 18.19 7.51
CA GLY B 103 -1.10 17.41 6.29
C GLY B 103 -0.96 15.91 6.48
N GLY B 104 -0.63 15.22 5.40
CA GLY B 104 -0.47 13.79 5.43
C GLY B 104 -1.59 13.09 4.68
N THR B 105 -1.36 11.85 4.30
CA THR B 105 -2.36 11.06 3.58
C THR B 105 -2.95 10.00 4.52
N GLY B 106 -3.97 9.28 4.05
CA GLY B 106 -4.58 8.24 4.87
C GLY B 106 -3.56 7.28 5.44
N LEU B 107 -2.79 6.62 4.58
CA LEU B 107 -1.78 5.71 5.05
C LEU B 107 -0.89 6.34 6.12
N TYR B 108 -0.14 7.38 5.74
CA TYR B 108 0.76 8.05 6.67
C TYR B 108 0.12 8.46 7.98
N ILE B 109 -1.15 8.82 7.94
CA ILE B 109 -1.80 9.24 9.16
C ILE B 109 -2.28 8.10 10.05
N GLN B 110 -2.94 7.11 9.48
CA GLN B 110 -3.39 6.02 10.32
C GLN B 110 -2.21 5.19 10.81
N SER B 111 -1.22 4.98 9.95
CA SER B 111 -0.03 4.23 10.34
C SER B 111 0.61 4.84 11.59
N LEU B 112 0.44 6.16 11.74
CA LEU B 112 0.98 6.90 12.87
C LEU B 112 0.05 6.93 14.06
N LEU B 113 -1.25 6.84 13.78
CA LEU B 113 -2.23 6.89 14.86
C LEU B 113 -2.52 5.54 15.52
N TYR B 114 -2.53 4.48 14.73
CA TYR B 114 -2.83 3.15 15.24
C TYR B 114 -1.71 2.13 15.03
N ASN B 115 -1.59 1.16 15.93
CA ASN B 115 -0.57 0.13 15.77
C ASN B 115 -1.03 -1.01 14.90
N TYR B 116 -2.34 -1.23 14.86
CA TYR B 116 -2.90 -2.32 14.08
C TYR B 116 -2.42 -2.33 12.62
N ALA B 117 -2.52 -3.49 12.01
CA ALA B 117 -2.11 -3.68 10.63
C ALA B 117 -3.38 -3.75 9.76
N PHE B 118 -3.79 -2.61 9.20
CA PHE B 118 -4.99 -2.58 8.36
C PHE B 118 -4.68 -3.06 6.94
N GLU B 119 -5.69 -3.03 6.07
CA GLU B 119 -5.55 -3.44 4.67
C GLU B 119 -5.23 -2.24 3.76
N ASP B 126 -13.77 -0.43 -6.95
CA ASP B 126 -14.45 0.50 -7.85
C ASP B 126 -15.96 0.25 -7.89
N LYS B 127 -16.52 0.08 -6.68
CA LYS B 127 -17.95 -0.18 -6.49
C LYS B 127 -18.66 1.07 -5.98
N LYS B 129 -19.82 3.38 -7.40
CA LYS B 129 -20.97 3.65 -8.24
C LYS B 129 -22.22 2.95 -7.69
N GLN B 130 -22.06 1.72 -7.25
CA GLN B 130 -23.22 1.01 -6.72
C GLN B 130 -23.48 1.35 -5.26
N VAL B 131 -22.41 1.40 -4.47
CA VAL B 131 -22.51 1.75 -3.05
C VAL B 131 -23.27 3.07 -2.96
N LYS B 132 -22.83 4.07 -3.73
CA LYS B 132 -23.42 5.40 -3.75
C LYS B 132 -24.88 5.33 -4.21
N LEU B 133 -25.13 4.50 -5.22
CA LEU B 133 -26.48 4.34 -5.76
C LEU B 133 -27.41 3.73 -4.72
N LYS B 134 -26.93 2.70 -4.02
CA LYS B 134 -27.77 2.07 -3.02
C LYS B 134 -28.09 3.06 -1.89
N LEU B 135 -27.13 3.92 -1.54
CA LEU B 135 -27.37 4.90 -0.48
C LEU B 135 -28.61 5.70 -0.86
N LYS B 136 -28.66 6.06 -2.14
CA LYS B 136 -29.76 6.81 -2.74
C LYS B 136 -31.00 5.94 -2.53
N GLU B 137 -30.91 4.68 -2.94
CA GLU B 137 -32.03 3.75 -2.79
C GLU B 137 -32.52 3.75 -1.35
N LEU B 138 -31.69 4.23 -0.43
CA LEU B 138 -32.08 4.24 0.99
C LEU B 138 -32.53 5.62 1.45
N GLU B 139 -32.21 6.65 0.67
CA GLU B 139 -32.58 8.01 1.01
C GLU B 139 -33.99 8.06 1.58
N HIS B 140 -34.86 7.17 1.09
CA HIS B 140 -36.21 7.13 1.59
C HIS B 140 -36.50 5.94 2.50
N LEU B 141 -36.21 6.13 3.77
CA LEU B 141 -36.41 5.15 4.82
C LEU B 141 -36.89 5.88 6.07
N ASN B 142 -37.96 5.36 6.67
CA ASN B 142 -38.58 5.96 7.85
C ASN B 142 -37.64 6.26 9.02
N ASN B 143 -36.33 6.28 8.74
CA ASN B 143 -35.32 6.61 9.73
C ASN B 143 -35.30 5.62 10.89
N ASN B 144 -36.35 4.80 10.96
CA ASN B 144 -36.48 3.77 11.98
C ASN B 144 -36.17 2.47 11.28
N LYS B 145 -36.43 2.43 9.97
CA LYS B 145 -36.16 1.24 9.19
C LYS B 145 -34.68 1.28 8.83
N LEU B 146 -34.15 2.48 8.69
CA LEU B 146 -32.73 2.62 8.34
C LEU B 146 -31.85 2.05 9.47
N HIS B 147 -32.44 1.91 10.65
CA HIS B 147 -31.77 1.36 11.81
C HIS B 147 -31.88 -0.18 11.78
N GLU B 148 -33.04 -0.69 11.38
CA GLU B 148 -33.23 -2.13 11.29
C GLU B 148 -32.38 -2.68 10.17
N TYR B 149 -32.18 -1.89 9.13
CA TYR B 149 -31.36 -2.32 8.00
C TYR B 149 -29.90 -2.53 8.44
N LEU B 150 -29.42 -1.60 9.27
CA LEU B 150 -28.06 -1.64 9.81
C LEU B 150 -27.91 -2.79 10.81
N ALA B 151 -28.88 -2.91 11.71
CA ALA B 151 -28.82 -3.96 12.72
C ALA B 151 -28.76 -5.38 12.13
N SER B 152 -29.35 -5.55 10.93
CA SER B 152 -29.38 -6.85 10.25
C SER B 152 -28.01 -7.35 9.83
N PHE B 153 -26.97 -6.54 10.00
CA PHE B 153 -25.63 -6.96 9.63
C PHE B 153 -24.56 -6.28 10.44
N ASP B 154 -24.96 -5.62 11.52
CA ASP B 154 -24.01 -4.97 12.41
C ASP B 154 -24.75 -4.70 13.71
N LYS B 155 -25.16 -5.76 14.37
CA LYS B 155 -25.91 -5.64 15.61
C LYS B 155 -25.28 -4.73 16.67
N GLU B 156 -23.95 -4.59 16.66
CA GLU B 156 -23.25 -3.72 17.64
C GLU B 156 -23.47 -2.23 17.32
N SER B 157 -23.01 -1.78 16.15
CA SER B 157 -23.14 -0.40 15.71
C SER B 157 -24.58 0.10 15.88
N ALA B 158 -25.52 -0.82 15.67
CA ALA B 158 -26.94 -0.47 15.80
C ALA B 158 -27.23 -0.26 17.27
N LYS B 159 -26.82 -1.25 18.07
CA LYS B 159 -27.01 -1.25 19.53
C LYS B 159 -26.41 0.00 20.16
N ASP B 160 -25.36 0.56 19.56
CA ASP B 160 -24.76 1.74 20.12
C ASP B 160 -25.05 3.02 19.36
N ILE B 161 -26.02 2.95 18.47
CA ILE B 161 -26.40 4.13 17.75
C ILE B 161 -27.90 4.25 17.76
N HIS B 162 -28.38 5.32 18.37
CA HIS B 162 -29.80 5.54 18.42
C HIS B 162 -30.30 5.68 16.99
N PRO B 163 -31.47 5.10 16.67
CA PRO B 163 -32.04 5.17 15.32
C PRO B 163 -32.25 6.55 14.71
N ASN B 164 -32.37 7.58 15.54
CA ASN B 164 -32.57 8.91 15.01
C ASN B 164 -31.32 9.59 14.49
N ASN B 165 -30.17 9.28 15.10
CA ASN B 165 -28.88 9.86 14.69
C ASN B 165 -28.61 9.31 13.29
N ARG B 166 -29.46 9.67 12.35
CA ARG B 166 -29.35 9.18 11.00
C ARG B 166 -27.98 9.37 10.37
N LYS B 167 -27.18 10.29 10.89
CA LYS B 167 -25.84 10.50 10.31
C LYS B 167 -24.92 9.32 10.62
N ARG B 168 -24.80 8.99 11.91
CA ARG B 168 -23.94 7.86 12.33
C ARG B 168 -24.43 6.55 11.73
N VAL B 169 -25.74 6.36 11.71
CA VAL B 169 -26.33 5.15 11.17
C VAL B 169 -25.91 4.92 9.73
N LEU B 170 -25.66 5.99 9.00
CA LEU B 170 -25.26 5.83 7.62
C LEU B 170 -23.77 5.57 7.49
N ARG B 171 -22.95 6.36 8.19
CA ARG B 171 -21.49 6.18 8.15
C ARG B 171 -21.19 4.69 8.32
N ALA B 172 -22.01 4.07 9.15
CA ALA B 172 -21.90 2.66 9.46
C ALA B 172 -22.32 1.82 8.26
N ILE B 173 -23.55 1.98 7.81
CA ILE B 173 -24.04 1.22 6.65
C ILE B 173 -23.08 1.38 5.45
N GLU B 174 -22.79 2.63 5.08
CA GLU B 174 -21.88 2.91 3.97
C GLU B 174 -20.58 2.12 4.07
N TYR B 175 -19.93 2.24 5.23
CA TYR B 175 -18.66 1.55 5.52
C TYR B 175 -18.76 0.07 5.30
N TYR B 176 -19.96 -0.47 5.49
CA TYR B 176 -20.21 -1.89 5.34
C TYR B 176 -20.30 -2.29 3.89
N LEU B 177 -20.98 -1.48 3.10
CA LEU B 177 -21.13 -1.78 1.67
C LEU B 177 -19.81 -1.70 0.89
N LYS B 178 -18.89 -0.89 1.39
CA LYS B 178 -17.61 -0.69 0.72
C LYS B 178 -16.54 -1.76 0.98
N THR B 179 -16.35 -2.11 2.26
CA THR B 179 -15.36 -3.09 2.67
C THR B 179 -15.99 -4.41 3.10
N LYS B 180 -17.31 -4.40 3.31
CA LYS B 180 -18.08 -5.58 3.75
C LYS B 180 -17.77 -5.96 5.20
N LYS B 181 -16.88 -5.19 5.82
CA LYS B 181 -16.46 -5.40 7.21
C LYS B 181 -17.43 -4.66 8.14
N LEU B 182 -17.07 -4.45 9.38
CA LEU B 182 -17.97 -3.78 10.30
C LEU B 182 -17.36 -2.57 10.98
N LEU B 183 -18.09 -1.45 10.99
CA LEU B 183 -17.59 -0.23 11.61
C LEU B 183 -17.36 -0.44 13.10
N SER B 184 -18.21 -1.28 13.69
CA SER B 184 -18.15 -1.63 15.12
C SER B 184 -16.78 -2.19 15.51
N SER B 185 -16.24 -3.08 14.67
CA SER B 185 -14.94 -3.68 14.89
C SER B 185 -13.89 -2.60 14.69
N ARG B 186 -13.87 -2.01 13.49
CA ARG B 186 -12.88 -0.97 13.19
C ARG B 186 -12.77 0.03 14.36
N LYS B 187 -13.90 0.48 14.89
CA LYS B 187 -13.87 1.42 15.99
C LYS B 187 -13.18 0.82 17.23
N LYS B 188 -13.42 -0.45 17.49
CA LYS B 188 -12.84 -1.09 18.67
C LYS B 188 -11.33 -1.23 18.50
N VAL B 189 -10.94 -1.75 17.35
CA VAL B 189 -9.55 -1.95 17.01
C VAL B 189 -8.78 -0.62 17.11
N GLN B 190 -9.27 0.38 16.39
CA GLN B 190 -8.64 1.67 16.40
C GLN B 190 -8.53 2.24 17.81
N GLN B 191 -9.65 2.28 18.53
CA GLN B 191 -9.62 2.88 19.87
C GLN B 191 -8.83 2.08 20.88
N PHE B 192 -8.34 0.92 20.46
CA PHE B 192 -7.54 0.15 21.35
C PHE B 192 -6.07 0.25 20.99
N THR B 193 -5.77 0.22 19.70
CA THR B 193 -4.38 0.30 19.26
C THR B 193 -3.89 1.75 19.08
N GLU B 194 -4.72 2.72 19.47
CA GLU B 194 -4.36 4.14 19.32
C GLU B 194 -3.20 4.58 20.19
N ASN B 195 -2.25 5.28 19.59
CA ASN B 195 -1.08 5.73 20.30
C ASN B 195 -1.22 7.08 20.92
N TYR B 196 -2.16 7.88 20.44
CA TYR B 196 -2.30 9.21 21.01
C TYR B 196 -3.73 9.64 21.27
N ASP B 197 -3.87 10.63 22.16
CA ASP B 197 -5.16 11.21 22.47
C ASP B 197 -5.40 12.21 21.34
N THR B 198 -5.63 11.68 20.15
CA THR B 198 -5.81 12.49 18.94
C THR B 198 -7.06 13.36 18.82
N LEU B 199 -6.89 14.51 18.17
CA LEU B 199 -7.97 15.44 17.90
C LEU B 199 -7.91 15.62 16.38
N LEU B 200 -8.35 14.59 15.67
CA LEU B 200 -8.31 14.56 14.23
C LEU B 200 -9.37 15.43 13.58
N ILE B 201 -8.92 16.48 12.89
CA ILE B 201 -9.83 17.39 12.22
C ILE B 201 -9.47 17.48 10.74
N GLY B 202 -10.50 17.56 9.89
CA GLY B 202 -10.30 17.68 8.46
C GLY B 202 -11.12 18.79 7.84
N ILE B 203 -10.56 19.44 6.81
CA ILE B 203 -11.25 20.51 6.12
C ILE B 203 -11.90 19.93 4.89
N GLU B 204 -13.22 20.03 4.84
CA GLU B 204 -14.01 19.49 3.74
C GLU B 204 -14.61 20.57 2.82
N SER B 206 -17.38 20.87 -1.06
CA SER B 206 -18.10 20.19 -2.13
C SER B 206 -17.16 19.86 -3.28
N ARG B 207 -17.47 18.78 -4.00
CA ARG B 207 -16.64 18.38 -5.11
C ARG B 207 -16.55 19.49 -6.13
N GLU B 208 -17.60 20.29 -6.23
CA GLU B 208 -17.62 21.41 -7.19
C GLU B 208 -16.51 22.40 -6.86
N THR B 209 -16.56 22.97 -5.65
CA THR B 209 -15.56 23.95 -5.21
C THR B 209 -14.16 23.32 -5.21
N LEU B 210 -14.06 22.09 -4.73
CA LEU B 210 -12.78 21.39 -4.67
C LEU B 210 -12.10 21.40 -6.04
N TYR B 211 -12.77 20.81 -7.03
CA TYR B 211 -12.27 20.69 -8.39
C TYR B 211 -11.93 22.03 -9.00
N LEU B 212 -12.71 23.05 -8.67
CA LEU B 212 -12.46 24.37 -9.21
C LEU B 212 -11.19 24.99 -8.62
N ARG B 213 -11.02 24.86 -7.31
CA ARG B 213 -9.85 25.39 -6.62
C ARG B 213 -8.58 24.69 -7.09
N ILE B 214 -8.64 23.37 -7.27
CA ILE B 214 -7.49 22.61 -7.72
C ILE B 214 -7.06 23.13 -9.10
N ASN B 215 -8.00 23.23 -10.03
CA ASN B 215 -7.60 23.74 -11.34
C ASN B 215 -6.91 25.08 -11.18
N LYS B 216 -7.41 25.88 -10.23
CA LYS B 216 -6.85 27.19 -10.00
C LYS B 216 -5.48 27.15 -9.33
N ARG B 217 -5.22 26.11 -8.55
CA ARG B 217 -3.93 26.02 -7.88
C ARG B 217 -2.85 25.53 -8.83
N VAL B 218 -3.28 24.78 -9.84
CA VAL B 218 -2.35 24.28 -10.83
C VAL B 218 -1.95 25.46 -11.71
N ASP B 219 -2.89 26.36 -11.97
CA ASP B 219 -2.58 27.52 -12.79
C ASP B 219 -1.54 28.39 -12.09
N ILE B 220 -1.73 28.60 -10.79
CA ILE B 220 -0.81 29.41 -10.04
C ILE B 220 0.58 28.81 -10.01
N LEU B 222 2.06 26.85 -12.15
CA LEU B 222 2.71 27.06 -13.45
C LEU B 222 3.18 28.50 -13.52
N GLY B 223 2.34 29.40 -13.01
CA GLY B 223 2.65 30.81 -13.01
C GLY B 223 3.74 31.19 -12.03
N HIS B 224 4.04 30.33 -11.08
CA HIS B 224 5.09 30.65 -10.12
C HIS B 224 6.45 30.05 -10.42
N GLY B 225 6.55 29.25 -11.49
CA GLY B 225 7.82 28.66 -11.86
C GLY B 225 7.94 27.17 -11.64
N LEU B 226 6.81 26.47 -11.59
CA LEU B 226 6.80 25.02 -11.40
C LEU B 226 7.64 24.36 -12.47
N PHE B 227 7.36 24.70 -13.71
CA PHE B 227 8.09 24.11 -14.81
C PHE B 227 9.59 24.38 -14.66
N ASN B 228 9.95 25.57 -14.22
CA ASN B 228 11.37 25.91 -14.06
C ASN B 228 11.99 25.01 -13.00
N GLU B 229 11.22 24.67 -11.99
CA GLU B 229 11.71 23.82 -10.92
C GLU B 229 11.98 22.41 -11.45
N VAL B 230 10.99 21.79 -12.08
CA VAL B 230 11.20 20.42 -12.61
C VAL B 230 12.37 20.39 -13.60
N GLN B 231 12.73 21.56 -14.12
CA GLN B 231 13.83 21.67 -15.07
C GLN B 231 15.15 21.54 -14.33
N HIS B 232 15.26 22.23 -13.20
CA HIS B 232 16.49 22.18 -12.41
C HIS B 232 16.67 20.78 -11.85
N LEU B 233 15.57 20.14 -11.45
CA LEU B 233 15.62 18.79 -10.89
C LEU B 233 16.03 17.78 -11.96
N VAL B 234 15.33 17.79 -13.07
CA VAL B 234 15.61 16.86 -14.15
C VAL B 234 17.04 17.07 -14.66
N GLU B 235 17.53 18.30 -14.62
CA GLU B 235 18.88 18.61 -15.07
C GLU B 235 19.91 18.07 -14.10
N GLN B 236 19.57 18.05 -12.81
CA GLN B 236 20.49 17.52 -11.81
C GLN B 236 20.43 16.00 -11.77
N GLY B 237 19.85 15.42 -12.81
CA GLY B 237 19.74 13.97 -12.91
C GLY B 237 18.83 13.30 -11.91
N PHE B 238 18.12 14.09 -11.11
CA PHE B 238 17.21 13.53 -10.13
C PHE B 238 16.02 12.79 -10.74
N GLU B 239 16.05 12.62 -12.05
CA GLU B 239 15.00 11.92 -12.76
C GLU B 239 15.14 10.45 -12.37
N ALA B 240 14.13 9.63 -12.68
CA ALA B 240 14.17 8.20 -12.36
C ALA B 240 13.98 7.91 -10.86
N SER B 241 13.86 8.98 -10.07
CA SER B 241 13.68 8.90 -8.63
C SER B 241 12.20 8.81 -8.27
N GLN B 242 11.92 8.24 -7.11
CA GLN B 242 10.54 8.11 -6.64
C GLN B 242 9.87 9.47 -6.57
N SER B 243 10.56 10.43 -5.97
CA SER B 243 10.04 11.78 -5.86
C SER B 243 9.58 12.34 -7.20
N GLN B 245 8.22 11.11 -9.50
CA GLN B 245 7.06 10.37 -10.02
C GLN B 245 5.76 10.90 -9.42
N ALA B 246 5.89 11.85 -8.50
CA ALA B 246 4.74 12.42 -7.84
C ALA B 246 3.98 13.31 -8.81
N ILE B 247 2.67 13.37 -8.63
CA ILE B 247 1.85 14.20 -9.48
C ILE B 247 2.39 15.65 -9.42
N GLY B 248 2.67 16.22 -10.59
CA GLY B 248 3.20 17.57 -10.64
C GLY B 248 4.64 17.60 -11.13
N TYR B 249 5.21 16.43 -11.37
CA TYR B 249 6.58 16.35 -11.86
C TYR B 249 6.64 15.33 -12.96
N LYS B 250 6.00 14.18 -12.75
CA LYS B 250 6.00 13.11 -13.74
C LYS B 250 5.30 13.52 -15.04
N GLU B 251 4.33 14.43 -14.95
CA GLU B 251 3.62 14.88 -16.13
C GLU B 251 4.44 15.89 -16.93
N LEU B 252 5.16 16.75 -16.21
CA LEU B 252 5.98 17.77 -16.85
C LEU B 252 7.31 17.25 -17.40
N VAL B 253 7.82 16.13 -16.88
CA VAL B 253 9.10 15.64 -17.40
C VAL B 253 9.04 15.39 -18.90
N PRO B 254 7.97 14.74 -19.38
CA PRO B 254 7.83 14.44 -20.81
C PRO B 254 7.83 15.67 -21.70
N VAL B 255 7.18 16.74 -21.25
CA VAL B 255 7.11 17.97 -22.02
C VAL B 255 8.48 18.64 -22.13
N ILE B 256 9.37 18.31 -21.20
CA ILE B 256 10.74 18.86 -21.22
C ILE B 256 11.56 18.18 -22.32
N LYS B 257 11.14 17.00 -22.72
CA LYS B 257 11.81 16.23 -23.74
C LYS B 257 11.22 16.56 -25.13
N GLY B 258 9.97 17.00 -25.13
CA GLY B 258 9.34 17.35 -26.38
C GLY B 258 8.49 16.23 -26.92
N ASN B 259 8.08 15.33 -26.05
CA ASN B 259 7.26 14.20 -26.48
C ASN B 259 5.80 14.51 -26.26
N ILE B 260 5.51 15.45 -25.38
CA ILE B 260 4.16 15.83 -25.11
C ILE B 260 4.06 17.37 -25.05
N SER B 261 2.91 17.91 -25.44
CA SER B 261 2.70 19.35 -25.46
C SER B 261 2.36 19.88 -24.07
N GLU B 263 0.14 22.05 -23.20
CA GLU B 263 -1.31 22.05 -23.03
C GLU B 263 -1.82 20.71 -22.51
N ASN B 264 -1.61 19.67 -23.33
CA ASN B 264 -2.04 18.31 -22.99
C ASN B 264 -1.54 17.88 -21.60
N ALA B 265 -0.27 18.13 -21.34
CA ALA B 265 0.33 17.78 -20.06
C ALA B 265 -0.41 18.46 -18.93
N VAL B 266 -0.58 19.77 -19.02
CA VAL B 266 -1.25 20.51 -17.97
C VAL B 266 -2.65 19.97 -17.77
N GLU B 267 -3.26 19.52 -18.86
CA GLU B 267 -4.59 18.95 -18.79
C GLU B 267 -4.59 17.71 -17.90
N LYS B 268 -3.54 16.92 -18.04
CA LYS B 268 -3.40 15.69 -17.25
C LYS B 268 -2.95 15.99 -15.81
N LEU B 269 -2.21 17.09 -15.64
CA LEU B 269 -1.75 17.48 -14.31
C LEU B 269 -2.93 17.90 -13.43
N LYS B 270 -3.87 18.66 -13.98
CA LYS B 270 -5.03 19.11 -13.23
C LYS B 270 -5.96 17.95 -12.97
N GLN B 271 -5.91 16.96 -13.85
CA GLN B 271 -6.77 15.79 -13.69
C GLN B 271 -6.24 14.92 -12.54
N HIS B 272 -5.01 14.44 -12.67
CA HIS B 272 -4.38 13.63 -11.61
C HIS B 272 -4.53 14.32 -10.27
N SER B 273 -4.51 15.65 -10.28
CA SER B 273 -4.66 16.41 -9.05
C SER B 273 -6.07 16.29 -8.53
N ARG B 274 -7.06 16.33 -9.43
CA ARG B 274 -8.45 16.21 -9.02
C ARG B 274 -8.73 14.80 -8.48
N GLN B 275 -8.27 13.77 -9.20
CA GLN B 275 -8.50 12.39 -8.77
C GLN B 275 -7.83 12.14 -7.43
N TYR B 276 -6.59 12.60 -7.31
CA TYR B 276 -5.84 12.42 -6.07
C TYR B 276 -6.58 13.06 -4.90
N ALA B 277 -6.98 14.31 -5.05
CA ALA B 277 -7.68 15.03 -4.00
C ALA B 277 -8.93 14.26 -3.61
N LYS B 278 -9.60 13.68 -4.61
CA LYS B 278 -10.82 12.93 -4.36
C LYS B 278 -10.52 11.67 -3.56
N ARG B 279 -9.59 10.88 -4.08
CA ARG B 279 -9.21 9.63 -3.42
C ARG B 279 -8.83 9.84 -1.95
N GLN B 280 -8.15 10.95 -1.66
CA GLN B 280 -7.73 11.26 -0.30
C GLN B 280 -8.91 11.67 0.56
N LEU B 281 -9.89 12.32 -0.04
CA LEU B 281 -11.06 12.77 0.70
C LEU B 281 -11.86 11.53 1.04
N THR B 282 -12.01 10.64 0.06
CA THR B 282 -12.77 9.41 0.22
C THR B 282 -12.23 8.54 1.37
N TRP B 283 -10.90 8.37 1.41
CA TRP B 283 -10.25 7.57 2.43
C TRP B 283 -10.49 8.10 3.85
N PHE B 284 -10.30 9.41 4.04
CA PHE B 284 -10.49 10.04 5.34
C PHE B 284 -11.94 10.02 5.81
N LYS B 285 -12.84 9.55 4.97
CA LYS B 285 -14.22 9.50 5.38
C LYS B 285 -14.68 8.07 5.61
N ASN B 286 -14.02 7.12 4.95
CA ASN B 286 -14.39 5.72 5.07
C ASN B 286 -13.40 4.91 5.88
N LYS B 287 -12.53 5.57 6.62
CA LYS B 287 -11.53 4.82 7.40
C LYS B 287 -11.26 5.51 8.73
N ASN B 289 -12.22 8.61 11.72
CA ASN B 289 -13.31 9.30 12.36
C ASN B 289 -12.78 10.71 12.53
N VAL B 290 -12.94 11.51 11.48
CA VAL B 290 -12.48 12.89 11.48
C VAL B 290 -13.57 13.89 11.78
N HIS B 291 -13.23 14.95 12.50
CA HIS B 291 -14.16 16.02 12.85
C HIS B 291 -13.99 17.03 11.70
N TRP B 292 -14.83 16.88 10.68
CA TRP B 292 -14.77 17.73 9.50
C TRP B 292 -15.28 19.15 9.70
N LEU B 293 -14.53 20.11 9.16
CA LEU B 293 -14.89 21.53 9.19
C LEU B 293 -15.20 21.89 7.74
N ASN B 294 -16.44 22.30 7.46
CA ASN B 294 -16.84 22.63 6.10
C ASN B 294 -16.28 23.99 5.67
N LYS B 295 -15.22 23.96 4.86
CA LYS B 295 -14.58 25.19 4.39
C LYS B 295 -15.51 26.13 3.63
N GLU B 296 -16.62 25.60 3.12
CA GLU B 296 -17.57 26.40 2.37
C GLU B 296 -18.58 27.11 3.28
N ARG B 297 -18.30 27.14 4.58
CA ARG B 297 -19.19 27.74 5.55
C ARG B 297 -18.43 28.36 6.72
N SER B 299 -14.50 30.09 8.18
CA SER B 299 -13.30 30.81 7.80
C SER B 299 -12.11 30.40 8.69
N LEU B 300 -10.91 30.80 8.28
CA LEU B 300 -9.72 30.49 9.04
C LEU B 300 -9.95 30.77 10.52
N GLN B 301 -10.53 31.91 10.85
CA GLN B 301 -10.80 32.29 12.24
C GLN B 301 -11.92 31.46 12.83
N LEU B 304 -10.54 28.05 13.72
CA LEU B 304 -9.69 28.13 14.90
C LEU B 304 -10.53 28.16 16.17
N ASP B 305 -11.79 28.57 16.04
CA ASP B 305 -12.66 28.60 17.22
C ASP B 305 -13.31 27.27 17.47
N GLU B 306 -13.59 26.53 16.40
CA GLU B 306 -14.18 25.22 16.52
C GLU B 306 -13.18 24.34 17.26
N ILE B 307 -11.91 24.49 16.89
CA ILE B 307 -10.84 23.71 17.49
C ILE B 307 -10.56 24.17 18.92
N THR B 308 -10.74 25.46 19.17
CA THR B 308 -10.50 26.02 20.49
C THR B 308 -11.54 25.50 21.48
N THR B 309 -12.73 25.20 20.98
CA THR B 309 -13.80 24.68 21.82
C THR B 309 -13.53 23.22 22.12
N GLN B 310 -12.98 22.52 21.14
CA GLN B 310 -12.65 21.13 21.29
C GLN B 310 -11.48 20.99 22.26
N ILE B 311 -10.55 21.95 22.24
CA ILE B 311 -9.40 21.89 23.13
C ILE B 311 -9.74 22.32 24.56
N ASN B 312 -10.79 23.13 24.73
CA ASN B 312 -11.22 23.55 26.06
C ASN B 312 -12.05 22.43 26.70
N LYS B 313 -12.29 21.36 25.94
CA LYS B 313 -13.08 20.19 26.39
C LYS B 313 -12.13 19.07 26.83
N ARG B 314 -10.84 19.39 26.88
CA ARG B 314 -9.81 18.44 27.29
C ARG B 314 -9.37 18.76 28.72
#